data_2F58
#
_entry.id   2F58
#
_cell.length_a   96.080
_cell.length_b   114.720
_cell.length_c   49.530
_cell.angle_alpha   90.00
_cell.angle_beta   90.00
_cell.angle_gamma   90.00
#
_symmetry.space_group_name_H-M   'P 21 21 2'
#
loop_
_entity.id
_entity.type
_entity.pdbx_description
1 polymer 'PROTEIN (IGG1 FAB 58.2 ANTIBODY (LIGHT CHAIN))'
2 polymer 'PROTEIN (IGG1 FAB 58.2 ANTIBODY (HEAVY CHAIN))'
3 polymer 'PROTEIN (HIV-1 GP120)'
4 non-polymer 1-IMINO-5-PENTANONE
5 water water
#
loop_
_entity_poly.entity_id
_entity_poly.type
_entity_poly.pdbx_seq_one_letter_code
_entity_poly.pdbx_strand_id
1 'polypeptide(L)'
;DIVLTQSPASLAVSLGQRATISCKASQGVDFDGASFMNWYQQKPGQPPKLLIFAASTLESGIPARFSGRGSGTDFTLNIH
PVEEEDAATYYCQQSHEDPLTFGAGTKLELKRADAAPTVSIFPPSSEQLTSGGASVVCFLNNFYPKDINVKWKIDGSERQ
NGVLNSWTDQDSKDSTYSMSSTLTLTKDEYERHNSYTCEATHKTSTSPIVKSFNRA
;
L
2 'polypeptide(L)'
;DVQLQQSGPDLVKPSQSLSLTCTVTGYSITSGYSWHWIRQFPGNKLEWMGYIHYSAGTNYNPSLKSRISITRDTSKNQFF
LQLNSVTTEDTATYYCAREEAMPYGNQAYYYAMDCWGQGTTVTVSSAKTTPPSVYPLAPGSAAQTNSMVTLGCLVKGYFP
EPVTVTWNSGSLSSGVHTFPAVLQSDLYTLSSSVTVPSSPRPSETVTCNVAHPASSTKVDKKIVPRDC
;
H
3 'polypeptide(L)' HIGPGRAFGGG P
#
# COMPACT_ATOMS: atom_id res chain seq x y z
N ASP A 1 8.22 -8.45 26.08
CA ASP A 1 7.60 -7.34 25.31
C ASP A 1 6.19 -6.97 25.78
N ILE A 2 5.70 -5.86 25.24
CA ILE A 2 4.37 -5.35 25.51
C ILE A 2 3.58 -5.59 24.21
N VAL A 3 2.49 -6.34 24.31
CA VAL A 3 1.69 -6.60 23.12
C VAL A 3 0.50 -5.68 23.05
N LEU A 4 0.21 -5.21 21.84
CA LEU A 4 -0.93 -4.32 21.65
C LEU A 4 -1.95 -4.99 20.78
N THR A 5 -3.07 -5.32 21.42
CA THR A 5 -4.22 -5.97 20.82
C THR A 5 -5.25 -4.92 20.50
N GLN A 6 -5.42 -4.63 19.22
CA GLN A 6 -6.38 -3.62 18.78
C GLN A 6 -7.69 -4.23 18.38
N SER A 7 -8.77 -3.50 18.64
CA SER A 7 -10.10 -3.99 18.32
C SER A 7 -11.02 -2.94 17.72
N PRO A 8 -11.65 -3.43 16.65
CA PRO A 8 -11.40 -4.81 16.05
C PRO A 8 -10.51 -4.52 14.83
N ALA A 9 -10.16 -5.57 14.09
CA ALA A 9 -9.32 -5.38 12.91
C ALA A 9 -10.08 -4.61 11.85
N SER A 10 -11.31 -5.08 11.59
CA SER A 10 -12.18 -4.47 10.59
C SER A 10 -13.29 -3.68 11.25
N LEU A 11 -13.48 -2.47 10.76
CA LEU A 11 -14.50 -1.55 11.24
C LEU A 11 -15.05 -0.76 10.07
N ALA A 12 -16.37 -0.83 9.91
CA ALA A 12 -17.07 -0.14 8.84
C ALA A 12 -18.09 0.86 9.38
N VAL A 13 -17.88 2.13 9.07
CA VAL A 13 -18.78 3.19 9.53
C VAL A 13 -19.15 4.18 8.44
N SER A 14 -20.47 4.32 8.25
CA SER A 14 -21.02 5.21 7.24
C SER A 14 -20.69 6.62 7.63
N LEU A 15 -20.75 7.52 6.66
CA LEU A 15 -20.44 8.91 6.89
C LEU A 15 -21.17 9.51 8.10
N GLY A 16 -20.51 10.48 8.74
CA GLY A 16 -21.07 11.15 9.89
C GLY A 16 -21.43 10.25 11.04
N GLN A 17 -20.66 9.18 11.22
CA GLN A 17 -20.89 8.24 12.29
C GLN A 17 -19.82 8.43 13.37
N ARG A 18 -19.74 7.48 14.30
CA ARG A 18 -18.74 7.52 15.36
C ARG A 18 -17.89 6.26 15.34
N ALA A 19 -16.60 6.47 15.06
CA ALA A 19 -15.59 5.41 15.00
C ALA A 19 -14.92 5.26 16.35
N THR A 20 -14.83 4.02 16.82
CA THR A 20 -14.22 3.73 18.12
C THR A 20 -13.25 2.54 18.12
N ILE A 21 -11.97 2.88 18.05
CA ILE A 21 -10.89 1.90 18.04
C ILE A 21 -10.30 1.72 19.44
N SER A 22 -10.34 0.50 19.97
CA SER A 22 -9.76 0.24 21.27
C SER A 22 -8.28 -0.09 21.04
N CYS A 23 -7.59 -0.52 22.09
CA CYS A 23 -6.19 -0.92 22.00
C CYS A 23 -5.72 -1.28 23.38
N LYS A 24 -5.77 -2.58 23.71
CA LYS A 24 -5.33 -3.03 25.02
C LYS A 24 -3.85 -3.42 24.98
N ALA A 25 -3.19 -3.30 26.14
CA ALA A 25 -1.77 -3.60 26.31
C ALA A 25 -1.51 -4.66 27.40
N SER A 26 -0.48 -5.49 27.21
CA SER A 26 -0.11 -6.56 28.14
C SER A 26 0.26 -6.06 29.55
N GLN A 27 0.93 -4.92 29.63
CA GLN A 27 1.30 -4.33 30.93
C GLN A 27 0.76 -2.91 30.91
N GLY A 28 0.65 -2.29 32.09
CA GLY A 28 0.17 -0.91 32.12
C GLY A 28 1.21 -0.01 31.48
N VAL A 29 0.81 1.16 31.00
CA VAL A 29 1.76 2.05 30.35
C VAL A 29 1.85 3.49 30.84
N ASP A 30 1.49 3.74 32.09
CA ASP A 30 1.56 5.09 32.63
C ASP A 30 2.90 5.27 33.35
N PHE A 31 3.25 6.52 33.65
CA PHE A 31 4.50 6.84 34.35
C PHE A 31 4.76 8.33 34.48
N ASP A 32 4.92 8.78 35.73
CA ASP A 32 5.19 10.18 36.04
C ASP A 32 4.08 11.08 35.53
N GLY A 33 2.86 10.60 35.64
CA GLY A 33 1.72 11.37 35.17
C GLY A 33 1.53 11.48 33.66
N ALA A 34 2.13 10.56 32.89
CA ALA A 34 1.96 10.54 31.43
C ALA A 34 1.73 9.10 31.04
N SER A 35 0.94 8.89 29.98
CA SER A 35 0.60 7.57 29.49
C SER A 35 1.22 7.43 28.11
N PHE A 36 2.20 6.55 27.98
CA PHE A 36 2.92 6.43 26.71
C PHE A 36 2.32 5.66 25.53
N MET A 37 1.13 6.09 25.11
CA MET A 37 0.48 5.49 23.96
C MET A 37 0.39 6.55 22.86
N ASN A 38 0.42 6.14 21.60
CA ASN A 38 0.36 7.08 20.50
C ASN A 38 -0.52 6.46 19.42
N TRP A 39 -0.81 7.21 18.37
CA TRP A 39 -1.67 6.72 17.28
C TRP A 39 -1.22 7.31 16.00
N TYR A 40 -1.21 6.47 15.00
CA TYR A 40 -0.82 6.86 13.66
C TYR A 40 -1.92 6.35 12.77
N GLN A 41 -2.03 6.92 11.59
CA GLN A 41 -3.03 6.45 10.68
C GLN A 41 -2.24 6.31 9.40
N GLN A 42 -2.47 5.22 8.70
CA GLN A 42 -1.76 5.04 7.48
C GLN A 42 -2.77 4.83 6.38
N LYS A 43 -2.55 5.56 5.29
CA LYS A 43 -3.38 5.45 4.11
C LYS A 43 -2.54 4.64 3.13
N PRO A 44 -3.18 3.84 2.27
CA PRO A 44 -2.47 3.02 1.28
C PRO A 44 -1.42 3.83 0.51
N GLY A 45 -0.20 3.30 0.48
CA GLY A 45 0.89 3.98 -0.22
C GLY A 45 1.46 5.19 0.49
N GLN A 46 1.13 5.34 1.76
CA GLN A 46 1.62 6.47 2.52
C GLN A 46 2.28 6.01 3.81
N PRO A 47 3.21 6.82 4.34
CA PRO A 47 3.92 6.52 5.59
C PRO A 47 2.92 6.76 6.70
N PRO A 48 3.13 6.11 7.85
CA PRO A 48 2.21 6.31 8.96
C PRO A 48 2.32 7.77 9.40
N LYS A 49 1.19 8.39 9.71
CA LYS A 49 1.19 9.78 10.14
C LYS A 49 0.69 9.81 11.58
N LEU A 50 1.44 10.55 12.40
CA LEU A 50 1.16 10.72 13.80
C LEU A 50 -0.07 11.58 14.07
N LEU A 51 -1.03 10.99 14.74
CA LEU A 51 -2.26 11.68 15.13
C LEU A 51 -2.10 12.21 16.56
N ILE A 52 -2.48 11.39 17.53
CA ILE A 52 -2.37 11.75 18.94
C ILE A 52 -1.15 11.07 19.53
N PHE A 53 -0.66 11.63 20.61
CA PHE A 53 0.44 11.05 21.33
C PHE A 53 0.18 11.26 22.80
N ALA A 54 0.79 10.43 23.63
CA ALA A 54 0.63 10.54 25.06
C ALA A 54 -0.81 10.35 25.44
N ALA A 55 -1.49 9.50 24.67
CA ALA A 55 -2.89 9.12 24.87
C ALA A 55 -3.93 10.10 24.37
N SER A 56 -3.80 11.36 24.79
CA SER A 56 -4.78 12.37 24.45
C SER A 56 -4.30 13.64 23.76
N THR A 57 -3.00 13.89 23.72
CA THR A 57 -2.54 15.12 23.07
C THR A 57 -2.43 14.96 21.55
N LEU A 58 -3.34 15.67 20.89
CA LEU A 58 -3.51 15.71 19.45
C LEU A 58 -2.42 16.53 18.77
N GLU A 59 -1.82 15.95 17.73
CA GLU A 59 -0.75 16.57 16.98
C GLU A 59 -1.30 17.68 16.12
N SER A 60 -0.57 18.78 16.05
CA SER A 60 -1.01 19.92 15.25
C SER A 60 -1.22 19.53 13.79
N GLY A 61 -2.22 20.15 13.17
CA GLY A 61 -2.52 19.84 11.79
C GLY A 61 -3.56 18.76 11.71
N ILE A 62 -3.93 18.22 12.86
CA ILE A 62 -4.93 17.18 12.87
C ILE A 62 -6.28 17.77 13.33
N PRO A 63 -7.32 17.57 12.51
CA PRO A 63 -8.66 18.06 12.82
C PRO A 63 -9.09 17.58 14.20
N ALA A 64 -9.71 18.48 14.97
CA ALA A 64 -10.17 18.16 16.32
C ALA A 64 -11.34 17.18 16.32
N ARG A 65 -11.51 16.51 15.19
CA ARG A 65 -12.55 15.50 14.97
C ARG A 65 -12.10 14.17 15.62
N PHE A 66 -10.78 14.01 15.74
CA PHE A 66 -10.18 12.82 16.33
C PHE A 66 -9.97 12.98 17.83
N SER A 67 -10.22 11.89 18.55
CA SER A 67 -10.12 11.90 20.00
C SER A 67 -9.37 10.73 20.67
N GLY A 68 -8.51 11.05 21.64
CA GLY A 68 -7.75 10.02 22.33
C GLY A 68 -8.00 9.92 23.82
N ARG A 69 -8.12 8.69 24.32
CA ARG A 69 -8.33 8.48 25.76
C ARG A 69 -8.01 7.06 26.28
N GLY A 70 -7.92 6.95 27.60
CA GLY A 70 -7.62 5.69 28.25
C GLY A 70 -6.40 5.85 29.15
N SER A 71 -6.16 4.82 29.96
CA SER A 71 -5.02 4.82 30.86
C SER A 71 -4.72 3.39 31.26
N GLY A 72 -3.52 3.17 31.78
CA GLY A 72 -3.17 1.83 32.19
C GLY A 72 -3.05 0.90 31.00
N THR A 73 -3.88 -0.14 30.96
CA THR A 73 -3.81 -1.12 29.89
C THR A 73 -4.81 -0.91 28.77
N ASP A 74 -5.75 0.01 28.98
CA ASP A 74 -6.78 0.24 27.98
C ASP A 74 -6.77 1.65 27.47
N PHE A 75 -6.91 1.76 26.14
CA PHE A 75 -6.88 3.04 25.48
C PHE A 75 -7.92 3.09 24.35
N THR A 76 -8.08 4.26 23.73
CA THR A 76 -9.11 4.40 22.72
C THR A 76 -9.01 5.63 21.80
N LEU A 77 -9.47 5.48 20.57
CA LEU A 77 -9.46 6.56 19.60
C LEU A 77 -10.84 6.61 18.95
N ASN A 78 -11.38 7.82 18.83
CA ASN A 78 -12.71 8.03 18.25
C ASN A 78 -12.73 9.12 17.19
N ILE A 79 -13.57 8.93 16.18
CA ILE A 79 -13.68 9.94 15.13
C ILE A 79 -15.10 10.45 15.09
N HIS A 80 -15.26 11.77 15.17
CA HIS A 80 -16.58 12.40 15.16
C HIS A 80 -16.59 13.72 14.38
N PRO A 81 -17.22 13.75 13.22
CA PRO A 81 -17.84 12.53 12.67
C PRO A 81 -16.91 12.01 11.58
N VAL A 82 -17.01 10.70 11.36
CA VAL A 82 -16.21 10.01 10.38
C VAL A 82 -16.37 10.64 8.99
N GLU A 83 -15.23 10.96 8.37
CA GLU A 83 -15.18 11.55 7.04
C GLU A 83 -14.71 10.54 5.99
N GLU A 84 -14.66 10.97 4.73
CA GLU A 84 -14.21 10.10 3.65
C GLU A 84 -12.69 10.00 3.68
N GLU A 85 -12.05 11.12 4.03
CA GLU A 85 -10.59 11.18 4.13
C GLU A 85 -10.21 10.70 5.51
N ASP A 86 -10.87 9.63 5.92
CA ASP A 86 -10.66 8.98 7.20
C ASP A 86 -10.58 7.47 6.99
N ALA A 87 -10.62 7.03 5.74
CA ALA A 87 -10.53 5.61 5.46
C ALA A 87 -9.04 5.33 5.48
N ALA A 88 -8.62 4.53 6.45
CA ALA A 88 -7.21 4.21 6.59
C ALA A 88 -7.09 3.10 7.61
N THR A 89 -5.86 2.93 8.10
CA THR A 89 -5.59 1.94 9.12
C THR A 89 -5.01 2.72 10.25
N TYR A 90 -5.56 2.51 11.43
CA TYR A 90 -5.08 3.21 12.60
C TYR A 90 -4.26 2.26 13.45
N TYR A 91 -3.11 2.73 13.95
CA TYR A 91 -2.24 1.90 14.79
C TYR A 91 -1.91 2.56 16.11
N CYS A 92 -2.20 1.89 17.22
CA CYS A 92 -1.83 2.46 18.50
C CYS A 92 -0.37 2.02 18.67
N GLN A 93 0.40 2.74 19.50
CA GLN A 93 1.82 2.42 19.70
C GLN A 93 2.37 2.93 21.03
N GLN A 94 3.13 2.10 21.74
CA GLN A 94 3.69 2.48 23.05
C GLN A 94 5.16 2.97 23.16
N SER A 95 5.37 4.11 23.81
CA SER A 95 6.72 4.59 24.02
C SER A 95 7.13 4.43 25.50
N HIS A 96 6.53 3.40 26.12
CA HIS A 96 6.76 3.10 27.51
C HIS A 96 8.11 2.45 27.72
N GLU A 97 8.51 1.62 26.78
CA GLU A 97 9.77 0.94 26.92
C GLU A 97 10.29 0.46 25.63
N ASP A 98 11.59 0.22 25.63
CA ASP A 98 12.25 -0.32 24.46
C ASP A 98 12.29 -1.83 24.70
N PRO A 99 12.08 -2.61 23.64
CA PRO A 99 11.79 -2.14 22.28
C PRO A 99 10.39 -1.55 22.08
N LEU A 100 10.28 -0.44 21.35
CA LEU A 100 8.96 0.14 21.11
C LEU A 100 8.17 -0.86 20.24
N THR A 101 6.85 -0.92 20.40
CA THR A 101 6.06 -1.83 19.60
C THR A 101 4.78 -1.17 19.09
N PHE A 102 4.19 -1.79 18.06
CA PHE A 102 2.95 -1.33 17.41
C PHE A 102 1.89 -2.38 17.49
N GLY A 103 0.66 -1.95 17.25
CA GLY A 103 -0.48 -2.87 17.24
C GLY A 103 -0.62 -3.41 15.82
N ALA A 104 -1.68 -4.17 15.55
CA ALA A 104 -1.91 -4.74 14.21
C ALA A 104 -2.53 -3.70 13.29
N GLY A 105 -3.30 -2.79 13.87
CA GLY A 105 -3.95 -1.75 13.10
C GLY A 105 -5.42 -2.04 12.92
N THR A 106 -6.17 -1.05 12.42
CA THR A 106 -7.60 -1.26 12.19
C THR A 106 -8.01 -0.60 10.89
N LYS A 107 -8.39 -1.43 9.91
CA LYS A 107 -8.83 -0.91 8.62
C LYS A 107 -10.19 -0.31 8.85
N LEU A 108 -10.31 0.96 8.55
CA LEU A 108 -11.57 1.65 8.72
C LEU A 108 -12.12 1.81 7.32
N GLU A 109 -13.22 1.13 7.04
CA GLU A 109 -13.80 1.27 5.72
C GLU A 109 -15.14 1.97 5.90
N LEU A 110 -15.41 2.93 5.02
CA LEU A 110 -16.64 3.69 5.05
C LEU A 110 -17.73 2.96 4.32
N LYS A 111 -18.90 2.89 4.93
CA LYS A 111 -20.04 2.23 4.32
C LYS A 111 -20.60 3.21 3.25
N ARG A 112 -21.22 2.63 2.23
CA ARG A 112 -21.79 3.36 1.12
C ARG A 112 -23.10 2.62 0.75
N ALA A 113 -23.80 3.10 -0.27
CA ALA A 113 -25.03 2.41 -0.71
C ALA A 113 -24.60 1.44 -1.81
N ASP A 114 -25.16 0.22 -1.78
CA ASP A 114 -24.85 -0.81 -2.75
C ASP A 114 -24.73 -0.27 -4.15
N ALA A 115 -23.69 -0.70 -4.85
CA ALA A 115 -23.43 -0.25 -6.20
C ALA A 115 -23.06 -1.47 -7.02
N ALA A 116 -23.38 -1.47 -8.31
CA ALA A 116 -23.08 -2.62 -9.16
C ALA A 116 -21.84 -2.49 -10.04
N PRO A 117 -21.12 -3.59 -10.20
CA PRO A 117 -19.91 -3.72 -10.99
C PRO A 117 -20.03 -3.47 -12.48
N THR A 118 -19.41 -2.39 -12.96
CA THR A 118 -19.41 -2.11 -14.39
C THR A 118 -18.34 -3.01 -14.99
N VAL A 119 -18.77 -4.19 -15.43
CA VAL A 119 -17.86 -5.17 -15.99
C VAL A 119 -17.35 -4.74 -17.33
N SER A 120 -16.11 -5.09 -17.61
CA SER A 120 -15.45 -4.72 -18.87
C SER A 120 -14.51 -5.87 -19.24
N ILE A 121 -14.65 -6.44 -20.45
CA ILE A 121 -13.79 -7.57 -20.86
C ILE A 121 -12.90 -7.23 -22.05
N PHE A 122 -11.67 -7.72 -22.01
CA PHE A 122 -10.74 -7.45 -23.09
C PHE A 122 -10.04 -8.70 -23.62
N PRO A 123 -9.94 -8.80 -24.94
CA PRO A 123 -9.28 -9.92 -25.60
C PRO A 123 -7.78 -9.58 -25.61
N PRO A 124 -6.94 -10.57 -25.98
CA PRO A 124 -5.50 -10.37 -26.04
C PRO A 124 -5.08 -9.27 -26.98
N SER A 125 -3.99 -8.60 -26.63
CA SER A 125 -3.45 -7.53 -27.45
C SER A 125 -2.76 -8.24 -28.58
N SER A 126 -2.91 -7.71 -29.79
CA SER A 126 -2.29 -8.32 -30.96
C SER A 126 -0.75 -8.42 -30.85
N GLU A 127 -0.21 -7.72 -29.85
CA GLU A 127 1.22 -7.68 -29.60
C GLU A 127 1.63 -8.83 -28.68
N GLN A 128 0.71 -9.22 -27.80
CA GLN A 128 0.95 -10.32 -26.87
C GLN A 128 0.87 -11.61 -27.61
N LEU A 129 -0.12 -11.72 -28.48
CA LEU A 129 -0.31 -12.91 -29.29
C LEU A 129 0.96 -13.22 -30.06
N THR A 130 1.56 -12.19 -30.65
CA THR A 130 2.80 -12.36 -31.38
C THR A 130 3.81 -13.00 -30.40
N SER A 131 3.80 -12.52 -29.15
CA SER A 131 4.67 -13.01 -28.10
C SER A 131 4.29 -14.40 -27.59
N GLY A 132 3.23 -14.96 -28.18
CA GLY A 132 2.79 -16.30 -27.81
C GLY A 132 1.84 -16.45 -26.63
N GLY A 133 1.87 -15.52 -25.68
CA GLY A 133 0.99 -15.61 -24.53
C GLY A 133 -0.39 -15.11 -24.89
N ALA A 134 -1.35 -15.23 -23.98
CA ALA A 134 -2.70 -14.78 -24.26
C ALA A 134 -3.50 -14.39 -23.01
N SER A 135 -3.42 -13.10 -22.63
CA SER A 135 -4.15 -12.65 -21.47
C SER A 135 -5.49 -12.06 -21.83
N VAL A 136 -6.51 -12.56 -21.15
CA VAL A 136 -7.86 -12.09 -21.32
C VAL A 136 -8.14 -11.44 -19.97
N VAL A 137 -8.42 -10.13 -20.00
CA VAL A 137 -8.63 -9.32 -18.80
C VAL A 137 -10.04 -8.81 -18.56
N CYS A 138 -10.49 -8.96 -17.33
CA CYS A 138 -11.84 -8.53 -16.97
C CYS A 138 -11.83 -7.63 -15.73
N PHE A 139 -12.21 -6.36 -15.92
CA PHE A 139 -12.28 -5.37 -14.84
C PHE A 139 -13.71 -5.30 -14.33
N LEU A 140 -13.86 -5.45 -13.01
CA LEU A 140 -15.15 -5.35 -12.33
C LEU A 140 -14.94 -4.05 -11.58
N ASN A 141 -15.39 -2.94 -12.16
CA ASN A 141 -15.17 -1.63 -11.56
C ASN A 141 -16.26 -0.88 -10.76
N ASN A 142 -15.79 -0.22 -9.70
CA ASN A 142 -16.60 0.60 -8.77
C ASN A 142 -17.86 0.00 -8.22
N PHE A 143 -17.71 -1.04 -7.42
CA PHE A 143 -18.85 -1.67 -6.81
C PHE A 143 -18.78 -1.59 -5.28
N TYR A 144 -19.82 -2.10 -4.64
CA TYR A 144 -19.94 -2.15 -3.19
C TYR A 144 -21.15 -3.00 -2.86
N PRO A 145 -21.15 -3.88 -1.83
CA PRO A 145 -20.00 -4.21 -0.92
C PRO A 145 -18.82 -4.83 -1.64
N LYS A 146 -17.70 -4.96 -0.93
CA LYS A 146 -16.47 -5.54 -1.48
C LYS A 146 -16.59 -6.99 -1.92
N ASP A 147 -17.66 -7.66 -1.51
CA ASP A 147 -17.87 -9.06 -1.87
C ASP A 147 -18.46 -9.31 -3.24
N ILE A 148 -17.62 -9.86 -4.10
CA ILE A 148 -18.00 -10.22 -5.47
C ILE A 148 -17.40 -11.60 -5.76
N ASN A 149 -18.06 -12.36 -6.62
CA ASN A 149 -17.58 -13.69 -6.96
C ASN A 149 -17.42 -13.75 -8.47
N VAL A 150 -16.18 -13.83 -8.94
CA VAL A 150 -15.94 -13.89 -10.38
C VAL A 150 -15.59 -15.26 -10.90
N LYS A 151 -16.28 -15.64 -11.96
CA LYS A 151 -16.09 -16.94 -12.57
C LYS A 151 -15.90 -16.86 -14.08
N TRP A 152 -14.81 -17.44 -14.56
CA TRP A 152 -14.52 -17.47 -15.99
C TRP A 152 -15.11 -18.71 -16.62
N LYS A 153 -15.61 -18.57 -17.86
CA LYS A 153 -16.24 -19.68 -18.58
C LYS A 153 -15.93 -19.75 -20.08
N ILE A 154 -15.14 -20.73 -20.45
CA ILE A 154 -14.77 -20.97 -21.84
C ILE A 154 -15.72 -22.00 -22.41
N ASP A 155 -16.42 -21.61 -23.47
CA ASP A 155 -17.37 -22.47 -24.16
C ASP A 155 -18.27 -23.21 -23.18
N GLY A 156 -18.86 -22.48 -22.24
CA GLY A 156 -19.74 -23.11 -21.27
C GLY A 156 -19.07 -23.74 -20.07
N SER A 157 -17.83 -24.17 -20.23
CA SER A 157 -17.10 -24.76 -19.13
C SER A 157 -16.31 -23.75 -18.32
N GLU A 158 -16.39 -23.90 -17.00
CA GLU A 158 -15.68 -23.04 -16.04
C GLU A 158 -14.19 -23.29 -16.18
N ARG A 159 -13.39 -22.31 -15.75
CA ARG A 159 -11.94 -22.43 -15.86
C ARG A 159 -11.26 -21.64 -14.77
N GLN A 160 -10.53 -22.35 -13.91
CA GLN A 160 -9.83 -21.74 -12.79
C GLN A 160 -8.34 -21.69 -13.09
N ASN A 161 -7.94 -22.38 -14.16
CA ASN A 161 -6.55 -22.44 -14.54
C ASN A 161 -6.12 -21.22 -15.34
N GLY A 162 -5.12 -20.51 -14.83
CA GLY A 162 -4.60 -19.32 -15.50
C GLY A 162 -5.16 -18.03 -14.92
N VAL A 163 -6.08 -18.20 -13.99
CA VAL A 163 -6.77 -17.10 -13.34
C VAL A 163 -6.16 -16.48 -12.12
N LEU A 164 -5.81 -15.20 -12.25
CA LEU A 164 -5.28 -14.47 -11.12
C LEU A 164 -6.12 -13.20 -10.96
N ASN A 165 -6.57 -12.97 -9.74
CA ASN A 165 -7.38 -11.79 -9.42
C ASN A 165 -6.66 -10.83 -8.48
N SER A 166 -7.13 -9.59 -8.43
CA SER A 166 -6.55 -8.62 -7.53
C SER A 166 -7.61 -7.60 -7.15
N TRP A 167 -7.46 -7.01 -5.96
CA TRP A 167 -8.41 -6.02 -5.48
C TRP A 167 -7.73 -4.73 -5.07
N THR A 168 -8.45 -3.62 -5.17
CA THR A 168 -7.93 -2.36 -4.68
C THR A 168 -8.63 -2.22 -3.32
N ASP A 169 -8.28 -1.17 -2.58
CA ASP A 169 -8.91 -0.93 -1.28
C ASP A 169 -10.15 -0.06 -1.55
N GLN A 170 -10.64 0.65 -0.52
CA GLN A 170 -11.78 1.55 -0.69
C GLN A 170 -11.22 2.67 -1.55
N ASP A 171 -12.03 3.18 -2.48
CA ASP A 171 -11.57 4.29 -3.32
C ASP A 171 -11.94 5.56 -2.60
N SER A 172 -10.94 6.17 -1.96
CA SER A 172 -11.07 7.39 -1.17
C SER A 172 -12.20 8.35 -1.58
N LYS A 173 -12.49 8.41 -2.88
CA LYS A 173 -13.55 9.26 -3.41
C LYS A 173 -14.94 8.64 -3.23
N ASP A 174 -15.39 7.87 -4.21
CA ASP A 174 -16.73 7.24 -4.15
C ASP A 174 -16.92 6.06 -3.19
N SER A 175 -15.87 5.76 -2.40
CA SER A 175 -15.92 4.68 -1.41
C SER A 175 -16.27 3.28 -1.97
N THR A 176 -15.93 3.05 -3.25
CA THR A 176 -16.20 1.76 -3.87
C THR A 176 -14.94 0.91 -3.95
N TYR A 177 -15.14 -0.32 -4.40
CA TYR A 177 -14.10 -1.30 -4.58
C TYR A 177 -14.08 -1.68 -6.06
N SER A 178 -12.92 -2.09 -6.56
CA SER A 178 -12.81 -2.49 -7.95
C SER A 178 -12.04 -3.79 -8.02
N MET A 179 -12.04 -4.46 -9.17
CA MET A 179 -11.33 -5.72 -9.29
C MET A 179 -10.89 -6.08 -10.71
N SER A 180 -9.73 -6.74 -10.78
CA SER A 180 -9.19 -7.19 -12.03
C SER A 180 -9.14 -8.70 -11.93
N SER A 181 -9.37 -9.35 -13.06
CA SER A 181 -9.31 -10.79 -13.14
C SER A 181 -8.63 -10.99 -14.47
N THR A 182 -7.55 -11.75 -14.46
CA THR A 182 -6.78 -11.99 -15.67
C THR A 182 -6.66 -13.50 -15.94
N LEU A 183 -6.98 -13.93 -17.16
CA LEU A 183 -6.88 -15.34 -17.55
C LEU A 183 -5.73 -15.39 -18.53
N THR A 184 -4.67 -16.08 -18.14
CA THR A 184 -3.51 -16.14 -18.98
C THR A 184 -3.50 -17.49 -19.65
N LEU A 185 -3.17 -17.49 -20.94
CA LEU A 185 -3.16 -18.71 -21.76
C LEU A 185 -2.06 -18.68 -22.78
N THR A 186 -1.82 -19.83 -23.40
CA THR A 186 -0.82 -19.93 -24.46
C THR A 186 -1.59 -19.58 -25.72
N LYS A 187 -0.94 -19.03 -26.73
CA LYS A 187 -1.60 -18.67 -27.99
C LYS A 187 -2.36 -19.89 -28.55
N ASP A 188 -1.80 -21.07 -28.35
CA ASP A 188 -2.41 -22.28 -28.84
C ASP A 188 -3.65 -22.72 -28.06
N GLU A 189 -3.74 -22.28 -26.81
CA GLU A 189 -4.91 -22.65 -25.99
C GLU A 189 -6.05 -21.66 -26.17
N TYR A 190 -5.70 -20.41 -26.43
CA TYR A 190 -6.69 -19.36 -26.66
C TYR A 190 -7.38 -19.77 -27.97
N GLU A 191 -6.59 -20.03 -29.00
CA GLU A 191 -7.11 -20.42 -30.31
C GLU A 191 -7.89 -21.72 -30.32
N ARG A 192 -7.77 -22.50 -29.26
CA ARG A 192 -8.46 -23.78 -29.16
C ARG A 192 -9.89 -23.61 -28.66
N HIS A 193 -10.36 -22.37 -28.55
CA HIS A 193 -11.73 -22.12 -28.06
C HIS A 193 -12.37 -20.90 -28.73
N ASN A 194 -13.63 -20.61 -28.38
CA ASN A 194 -14.33 -19.47 -28.97
C ASN A 194 -14.89 -18.50 -27.93
N SER A 195 -15.97 -18.90 -27.28
CA SER A 195 -16.62 -18.07 -26.26
C SER A 195 -15.70 -17.90 -25.05
N TYR A 196 -15.61 -16.67 -24.54
CA TYR A 196 -14.81 -16.38 -23.35
C TYR A 196 -15.66 -15.52 -22.46
N THR A 197 -16.07 -16.07 -21.32
CA THR A 197 -16.95 -15.36 -20.43
C THR A 197 -16.44 -15.03 -19.06
N CYS A 198 -16.74 -13.80 -18.64
CA CYS A 198 -16.40 -13.30 -17.33
C CYS A 198 -17.79 -13.18 -16.71
N GLU A 199 -17.99 -13.82 -15.56
CA GLU A 199 -19.31 -13.86 -14.94
C GLU A 199 -19.28 -13.45 -13.48
N ALA A 200 -19.77 -12.26 -13.20
CA ALA A 200 -19.77 -11.74 -11.84
C ALA A 200 -21.02 -12.11 -11.06
N THR A 201 -20.84 -12.32 -9.77
CA THR A 201 -21.94 -12.68 -8.88
C THR A 201 -21.86 -11.73 -7.69
N HIS A 202 -22.75 -10.74 -7.68
CA HIS A 202 -22.76 -9.70 -6.65
C HIS A 202 -24.10 -9.48 -5.93
N LYS A 203 -24.01 -8.95 -4.70
CA LYS A 203 -25.19 -8.64 -3.86
C LYS A 203 -26.24 -7.81 -4.60
N THR A 204 -25.77 -6.89 -5.44
CA THR A 204 -26.65 -5.99 -6.19
C THR A 204 -27.44 -6.64 -7.32
N SER A 205 -27.32 -7.96 -7.44
CA SER A 205 -28.06 -8.65 -8.48
C SER A 205 -28.36 -10.08 -8.09
N THR A 206 -29.38 -10.63 -8.75
CA THR A 206 -29.83 -12.01 -8.52
C THR A 206 -29.20 -12.95 -9.56
N SER A 207 -29.16 -12.49 -10.80
CA SER A 207 -28.57 -13.25 -11.88
C SER A 207 -27.15 -12.70 -12.08
N PRO A 208 -26.19 -13.56 -12.43
CA PRO A 208 -24.82 -13.05 -12.62
C PRO A 208 -24.68 -12.09 -13.80
N ILE A 209 -23.62 -11.30 -13.74
CA ILE A 209 -23.36 -10.34 -14.79
C ILE A 209 -22.39 -10.98 -15.74
N VAL A 210 -22.86 -11.15 -16.95
CA VAL A 210 -22.03 -11.77 -17.94
C VAL A 210 -21.53 -10.63 -18.80
N LYS A 211 -20.43 -10.91 -19.49
CA LYS A 211 -19.80 -9.99 -20.39
C LYS A 211 -18.75 -10.91 -20.95
N SER A 212 -18.80 -11.08 -22.27
CA SER A 212 -17.87 -11.97 -22.94
C SER A 212 -17.65 -11.58 -24.40
N PHE A 213 -17.02 -12.49 -25.13
CA PHE A 213 -16.77 -12.31 -26.55
C PHE A 213 -16.31 -13.63 -27.12
N ASN A 214 -16.05 -13.62 -28.44
CA ASN A 214 -15.52 -14.81 -29.09
C ASN A 214 -14.62 -14.44 -30.22
N ARG A 215 -13.54 -15.19 -30.35
CA ARG A 215 -12.57 -14.96 -31.42
C ARG A 215 -13.25 -15.37 -32.74
N ALA A 216 -14.12 -14.47 -33.17
CA ALA A 216 -14.92 -14.61 -34.38
C ALA A 216 -15.72 -13.31 -34.51
N ASP B 1 11.20 23.32 4.87
CA ASP B 1 10.58 22.16 5.58
C ASP B 1 11.62 21.31 6.33
N VAL B 2 11.36 20.02 6.41
CA VAL B 2 12.23 19.05 7.09
C VAL B 2 11.85 17.68 6.54
N GLN B 3 12.76 17.02 5.82
CA GLN B 3 12.44 15.71 5.29
C GLN B 3 13.56 14.67 5.22
N LEU B 4 13.17 13.43 5.49
CA LEU B 4 14.04 12.27 5.54
C LEU B 4 13.77 11.45 4.26
N GLN B 5 14.84 10.91 3.66
CA GLN B 5 14.72 10.12 2.44
C GLN B 5 15.55 8.82 2.43
N GLN B 6 14.83 7.69 2.48
CA GLN B 6 15.43 6.34 2.40
C GLN B 6 15.92 6.14 0.99
N SER B 7 17.15 5.68 0.91
CA SER B 7 17.81 5.42 -0.34
C SER B 7 18.48 4.05 -0.17
N GLY B 8 18.50 3.25 -1.23
CA GLY B 8 19.12 1.93 -1.12
C GLY B 8 18.64 0.99 -2.21
N PRO B 9 19.24 -0.20 -2.32
CA PRO B 9 18.93 -1.24 -3.31
C PRO B 9 17.48 -1.74 -3.25
N ASP B 10 17.00 -2.29 -4.36
CA ASP B 10 15.63 -2.79 -4.45
C ASP B 10 15.66 -4.31 -4.34
N LEU B 11 16.82 -4.88 -4.67
CA LEU B 11 16.97 -6.33 -4.66
C LEU B 11 18.29 -6.78 -4.08
N VAL B 12 18.18 -7.60 -3.03
CA VAL B 12 19.32 -8.16 -2.34
C VAL B 12 19.21 -9.68 -2.26
N LYS B 13 20.25 -10.35 -2.76
CA LYS B 13 20.32 -11.80 -2.78
C LYS B 13 20.44 -12.24 -1.35
N PRO B 14 19.80 -13.37 -1.00
CA PRO B 14 19.83 -13.89 0.37
C PRO B 14 21.24 -14.19 0.80
N SER B 15 21.50 -13.99 2.09
CA SER B 15 22.81 -14.22 2.73
C SER B 15 23.78 -13.03 2.56
N GLN B 16 23.31 -11.95 1.96
CA GLN B 16 24.12 -10.76 1.81
C GLN B 16 23.70 -9.76 2.90
N SER B 17 24.18 -8.53 2.75
CA SER B 17 23.89 -7.49 3.72
C SER B 17 23.06 -6.35 3.15
N LEU B 18 22.13 -5.89 3.97
CA LEU B 18 21.28 -4.78 3.58
C LEU B 18 21.86 -3.50 4.16
N SER B 19 22.14 -2.56 3.28
CA SER B 19 22.65 -1.30 3.71
C SER B 19 21.81 -0.18 3.14
N LEU B 20 20.91 0.32 3.98
CA LEU B 20 20.03 1.41 3.62
C LEU B 20 20.57 2.69 4.20
N THR B 21 20.20 3.79 3.56
CA THR B 21 20.61 5.14 3.93
C THR B 21 19.41 6.08 4.06
N CYS B 22 19.42 6.89 5.11
CA CYS B 22 18.35 7.84 5.30
C CYS B 22 18.94 9.22 5.32
N THR B 23 18.68 9.97 4.25
CA THR B 23 19.19 11.33 4.07
C THR B 23 18.25 12.39 4.69
N VAL B 24 18.74 13.09 5.72
CA VAL B 24 17.95 14.11 6.40
C VAL B 24 18.24 15.56 5.97
N THR B 25 17.30 16.09 5.19
CA THR B 25 17.35 17.43 4.62
C THR B 25 16.63 18.46 5.45
N GLY B 26 17.33 19.51 5.87
CA GLY B 26 16.72 20.57 6.66
C GLY B 26 16.65 20.38 8.17
N TYR B 27 17.65 19.75 8.76
CA TYR B 27 17.67 19.51 10.21
C TYR B 27 18.96 18.77 10.40
N SER B 28 19.75 19.12 11.40
CA SER B 28 20.99 18.42 11.61
C SER B 28 20.60 17.22 12.46
N ILE B 29 21.23 16.07 12.17
CA ILE B 29 20.93 14.87 12.92
C ILE B 29 21.20 15.18 14.39
N THR B 30 22.10 16.14 14.60
CA THR B 30 22.47 16.56 15.93
C THR B 30 21.28 17.19 16.67
N SER B 31 20.48 17.99 15.95
CA SER B 31 19.31 18.63 16.54
C SER B 31 18.26 17.59 16.91
N GLY B 32 18.47 16.36 16.45
CA GLY B 32 17.51 15.33 16.76
C GLY B 32 17.73 14.67 18.09
N TYR B 33 16.63 14.24 18.71
CA TYR B 33 16.72 13.53 19.96
C TYR B 33 17.17 12.12 19.61
N SER B 34 16.49 11.51 18.63
CA SER B 34 16.84 10.16 18.17
C SER B 34 16.27 9.82 16.78
N TRP B 35 17.02 9.08 16.00
CA TRP B 35 16.61 8.68 14.66
C TRP B 35 16.43 7.18 14.56
N HIS B 36 15.22 6.76 14.19
CA HIS B 36 14.86 5.36 14.14
C HIS B 36 14.79 4.73 12.78
N TRP B 37 14.56 3.42 12.77
CA TRP B 37 14.39 2.65 11.57
C TRP B 37 13.26 1.68 11.87
N ILE B 38 12.31 1.57 10.95
CA ILE B 38 11.17 0.73 11.12
C ILE B 38 10.89 0.11 9.80
N ARG B 39 10.42 -1.12 9.77
CA ARG B 39 10.07 -1.79 8.51
C ARG B 39 8.64 -2.36 8.60
N GLN B 40 7.97 -2.45 7.45
CA GLN B 40 6.58 -2.96 7.39
C GLN B 40 6.42 -4.05 6.32
N PHE B 41 6.13 -5.25 6.78
CA PHE B 41 6.01 -6.40 5.90
C PHE B 41 4.70 -6.44 5.19
N PRO B 42 4.60 -7.30 4.14
CA PRO B 42 3.36 -7.44 3.39
C PRO B 42 2.32 -7.83 4.44
N GLY B 43 1.15 -7.21 4.36
CA GLY B 43 0.11 -7.49 5.35
C GLY B 43 0.06 -6.35 6.33
N ASN B 44 0.92 -5.37 6.08
CA ASN B 44 1.02 -4.17 6.88
C ASN B 44 1.51 -4.30 8.31
N LYS B 45 1.98 -5.47 8.71
CA LYS B 45 2.50 -5.63 10.07
C LYS B 45 3.75 -4.74 10.19
N LEU B 46 3.81 -3.93 11.26
CA LEU B 46 4.93 -3.01 11.52
C LEU B 46 5.94 -3.49 12.55
N GLU B 47 7.23 -3.28 12.29
CA GLU B 47 8.25 -3.70 13.23
C GLU B 47 9.28 -2.63 13.44
N TRP B 48 9.39 -2.24 14.71
CA TRP B 48 10.34 -1.25 15.09
C TRP B 48 11.65 -2.01 14.99
N MET B 49 12.66 -1.39 14.35
CA MET B 49 13.97 -2.00 14.15
C MET B 49 15.10 -1.60 15.10
N GLY B 50 15.23 -0.31 15.38
CA GLY B 50 16.30 0.14 16.26
C GLY B 50 16.48 1.63 16.08
N TYR B 51 17.36 2.25 16.87
CA TYR B 51 17.60 3.67 16.72
C TYR B 51 18.93 4.10 17.27
N ILE B 52 19.28 5.35 17.00
CA ILE B 52 20.53 5.91 17.44
C ILE B 52 20.27 7.26 18.10
N HIS B 53 20.62 7.33 19.40
CA HIS B 53 20.45 8.52 20.23
C HIS B 53 21.29 9.72 19.76
N TYR B 54 20.92 10.92 20.23
CA TYR B 54 21.70 12.09 19.82
C TYR B 54 23.10 11.98 20.43
N SER B 55 23.24 11.13 21.45
CA SER B 55 24.53 10.93 22.10
C SER B 55 25.37 9.86 21.36
N ALA B 56 24.97 9.52 20.13
CA ALA B 56 25.67 8.55 19.30
C ALA B 56 25.50 7.10 19.77
N GLY B 57 24.79 6.89 20.89
CA GLY B 57 24.56 5.55 21.38
C GLY B 57 23.42 4.89 20.64
N THR B 58 23.26 3.56 20.78
CA THR B 58 22.18 2.82 20.07
C THR B 58 21.34 1.86 20.93
N ASN B 59 20.23 1.41 20.37
CA ASN B 59 19.34 0.45 21.02
C ASN B 59 18.59 -0.24 19.87
N TYR B 60 18.63 -1.57 19.90
CA TYR B 60 18.07 -2.39 18.85
C TYR B 60 17.04 -3.37 19.31
N ASN B 61 16.08 -3.68 18.45
CA ASN B 61 15.09 -4.67 18.78
C ASN B 61 15.85 -6.02 18.88
N PRO B 62 15.78 -6.67 20.05
CA PRO B 62 16.43 -7.96 20.32
C PRO B 62 16.33 -8.94 19.18
N SER B 63 15.13 -9.13 18.68
CA SER B 63 14.89 -10.08 17.61
C SER B 63 15.85 -9.90 16.43
N LEU B 64 16.53 -8.77 16.36
CA LEU B 64 17.45 -8.51 15.26
C LEU B 64 18.86 -8.27 15.75
N LYS B 65 18.98 -7.91 17.03
CA LYS B 65 20.25 -7.58 17.69
C LYS B 65 21.52 -8.17 17.06
N SER B 66 21.61 -9.48 17.06
CA SER B 66 22.76 -10.13 16.48
C SER B 66 23.28 -9.54 15.15
N ARG B 67 22.38 -9.20 14.22
CA ARG B 67 22.78 -8.74 12.89
C ARG B 67 22.51 -7.30 12.37
N ILE B 68 21.91 -6.48 13.20
CA ILE B 68 21.60 -5.11 12.79
C ILE B 68 22.63 -4.15 13.36
N SER B 69 22.84 -3.03 12.68
CA SER B 69 23.81 -2.01 13.13
C SER B 69 23.40 -0.64 12.57
N ILE B 70 23.21 0.34 13.44
CA ILE B 70 22.78 1.67 12.98
C ILE B 70 23.87 2.67 13.31
N THR B 71 24.36 3.35 12.27
CA THR B 71 25.39 4.37 12.39
C THR B 71 24.90 5.70 11.74
N ARG B 72 25.70 6.76 11.79
CA ARG B 72 25.33 8.06 11.21
C ARG B 72 26.56 8.80 10.69
N ASP B 73 26.32 9.87 9.94
CA ASP B 73 27.43 10.70 9.41
C ASP B 73 27.04 12.16 9.57
N THR B 74 27.70 12.83 10.51
CA THR B 74 27.43 14.23 10.81
C THR B 74 27.61 15.18 9.64
N SER B 75 28.69 14.97 8.89
CA SER B 75 29.04 15.83 7.76
C SER B 75 28.09 15.79 6.56
N LYS B 76 27.58 14.59 6.24
CA LYS B 76 26.64 14.43 5.12
C LYS B 76 25.20 14.43 5.66
N ASN B 77 25.09 14.37 6.98
CA ASN B 77 23.79 14.47 7.68
C ASN B 77 22.79 13.39 7.34
N GLN B 78 23.28 12.17 7.27
CA GLN B 78 22.45 11.03 6.96
C GLN B 78 22.90 9.89 7.87
N PHE B 79 21.95 9.06 8.31
CA PHE B 79 22.27 7.92 9.15
C PHE B 79 21.94 6.66 8.36
N PHE B 80 22.60 5.56 8.71
CA PHE B 80 22.46 4.31 8.00
C PHE B 80 21.96 3.14 8.79
N LEU B 81 21.52 2.11 8.09
CA LEU B 81 21.07 0.86 8.68
C LEU B 81 21.74 -0.21 7.84
N GLN B 82 22.28 -1.23 8.51
CA GLN B 82 22.94 -2.36 7.87
C GLN B 82 22.32 -3.55 8.56
N LEU B 83 22.03 -4.59 7.79
CA LEU B 83 21.39 -5.80 8.31
C LEU B 83 22.13 -6.94 7.68
N ASN B 84 22.62 -7.86 8.50
CA ASN B 84 23.39 -9.00 7.98
C ASN B 84 22.58 -10.28 7.74
N SER B 85 23.16 -11.20 6.98
CA SER B 85 22.50 -12.48 6.67
C SER B 85 21.01 -12.28 6.37
N VAL B 86 20.72 -11.64 5.24
CA VAL B 86 19.34 -11.41 4.86
C VAL B 86 18.68 -12.65 4.32
N THR B 87 17.49 -12.91 4.81
CA THR B 87 16.69 -14.04 4.34
C THR B 87 15.44 -13.45 3.68
N THR B 88 14.63 -14.30 3.09
CA THR B 88 13.41 -13.84 2.46
C THR B 88 12.47 -13.14 3.44
N GLU B 89 12.52 -13.50 4.72
CA GLU B 89 11.68 -12.84 5.72
C GLU B 89 12.13 -11.37 5.95
N ASP B 90 13.15 -10.92 5.23
CA ASP B 90 13.64 -9.55 5.38
C ASP B 90 13.09 -8.66 4.28
N THR B 91 12.10 -9.17 3.58
CA THR B 91 11.48 -8.43 2.52
C THR B 91 10.30 -7.67 3.13
N ALA B 92 10.43 -6.36 3.10
CA ALA B 92 9.43 -5.46 3.67
C ALA B 92 9.77 -4.07 3.21
N THR B 93 8.98 -3.10 3.66
CA THR B 93 9.23 -1.70 3.32
C THR B 93 9.93 -1.09 4.51
N TYR B 94 11.00 -0.38 4.23
CA TYR B 94 11.78 0.21 5.28
C TYR B 94 11.55 1.69 5.33
N TYR B 95 11.54 2.22 6.55
CA TYR B 95 11.33 3.64 6.81
C TYR B 95 12.24 4.10 7.92
N CYS B 96 12.84 5.27 7.76
CA CYS B 96 13.62 5.87 8.84
C CYS B 96 12.63 6.89 9.38
N ALA B 97 12.73 7.23 10.66
CA ALA B 97 11.82 8.20 11.26
C ALA B 97 12.56 9.05 12.27
N ARG B 98 11.88 10.07 12.78
CA ARG B 98 12.50 10.93 13.76
C ARG B 98 11.70 10.89 15.03
N GLU B 99 12.37 11.12 16.13
CA GLU B 99 11.68 11.17 17.41
C GLU B 99 12.12 12.53 17.93
N GLU B 100 11.14 13.31 18.41
CA GLU B 100 11.39 14.67 18.87
C GLU B 100 10.55 15.09 20.05
N ALA B 101 10.98 16.19 20.65
CA ALA B 101 10.28 16.77 21.77
C ALA B 101 8.97 17.31 21.21
N MET B 102 7.87 16.95 21.86
CA MET B 102 6.55 17.39 21.47
C MET B 102 5.99 18.09 22.71
N PRO B 103 5.45 19.30 22.56
CA PRO B 103 4.89 20.01 23.70
C PRO B 103 3.70 19.27 24.32
N TYR B 104 3.95 18.60 25.44
CA TYR B 104 2.92 17.87 26.17
C TYR B 104 2.70 18.59 27.48
N GLY B 105 1.43 18.89 27.77
CA GLY B 105 1.09 19.59 28.99
C GLY B 105 1.57 21.02 28.95
N ASN B 106 1.89 21.57 30.12
CA ASN B 106 2.36 22.94 30.19
C ASN B 106 3.86 23.06 30.40
N GLN B 107 4.51 23.60 29.39
CA GLN B 107 5.95 23.84 29.37
C GLN B 107 6.70 22.56 29.67
N ALA B 108 6.18 21.49 29.09
CA ALA B 108 6.75 20.17 29.26
C ALA B 108 6.80 19.47 27.90
N TYR B 109 7.90 18.80 27.65
CA TYR B 109 8.08 18.07 26.40
C TYR B 109 7.67 16.60 26.55
N TYR B 110 7.62 15.90 25.41
CA TYR B 110 7.26 14.48 25.31
C TYR B 110 7.75 14.03 23.96
N TYR B 111 8.65 13.05 23.93
CA TYR B 111 9.23 12.56 22.69
C TYR B 111 8.40 11.54 21.92
N ALA B 112 8.27 11.75 20.61
CA ALA B 112 7.50 10.85 19.75
C ALA B 112 8.04 10.84 18.33
N MET B 113 7.62 9.83 17.54
CA MET B 113 8.07 9.71 16.16
C MET B 113 7.12 10.46 15.23
N ASP B 114 7.50 11.69 14.87
CA ASP B 114 6.62 12.56 14.06
C ASP B 114 6.84 12.75 12.55
N CYS B 115 8.07 12.62 12.09
CA CYS B 115 8.38 12.76 10.69
C CYS B 115 8.98 11.45 10.20
N TRP B 116 8.42 10.89 9.13
CA TRP B 116 8.89 9.63 8.50
C TRP B 116 9.22 9.82 7.00
N GLY B 117 10.16 9.02 6.47
CA GLY B 117 10.50 9.10 5.05
C GLY B 117 9.44 8.41 4.22
N GLN B 118 9.61 8.41 2.90
CA GLN B 118 8.66 7.81 1.99
C GLN B 118 8.54 6.30 2.14
N GLY B 119 9.66 5.69 2.51
CA GLY B 119 9.74 4.26 2.65
C GLY B 119 10.39 3.75 1.39
N THR B 120 11.19 2.69 1.49
CA THR B 120 11.82 2.11 0.30
C THR B 120 11.61 0.61 0.35
N THR B 121 11.11 0.06 -0.76
CA THR B 121 10.83 -1.37 -0.84
C THR B 121 12.06 -2.18 -1.16
N VAL B 122 12.36 -3.07 -0.22
CA VAL B 122 13.50 -3.95 -0.35
C VAL B 122 13.08 -5.40 -0.57
N THR B 123 13.59 -5.95 -1.65
CA THR B 123 13.25 -7.31 -2.00
C THR B 123 14.46 -8.20 -1.84
N VAL B 124 14.28 -9.25 -1.04
CA VAL B 124 15.32 -10.23 -0.79
C VAL B 124 14.93 -11.44 -1.61
N SER B 125 15.66 -11.64 -2.71
CA SER B 125 15.44 -12.76 -3.62
C SER B 125 16.66 -13.11 -4.48
N SER B 126 16.66 -14.36 -4.96
CA SER B 126 17.72 -14.90 -5.79
C SER B 126 17.36 -14.76 -7.26
N ALA B 127 16.11 -14.42 -7.50
CA ALA B 127 15.59 -14.23 -8.85
C ALA B 127 16.24 -13.02 -9.49
N LYS B 128 16.20 -12.97 -10.81
CA LYS B 128 16.77 -11.87 -11.58
C LYS B 128 15.81 -10.73 -11.95
N THR B 129 16.41 -9.55 -12.08
CA THR B 129 15.73 -8.33 -12.45
C THR B 129 15.16 -8.43 -13.87
N THR B 130 13.84 -8.34 -13.98
CA THR B 130 13.21 -8.42 -15.29
C THR B 130 12.33 -7.23 -15.63
N PRO B 131 12.59 -6.61 -16.80
CA PRO B 131 11.87 -5.45 -17.31
C PRO B 131 10.48 -5.95 -17.70
N PRO B 132 9.44 -5.09 -17.63
CA PRO B 132 8.08 -5.53 -17.97
C PRO B 132 7.72 -5.48 -19.44
N SER B 133 6.65 -6.21 -19.79
CA SER B 133 6.12 -6.22 -21.16
C SER B 133 4.84 -5.44 -21.00
N VAL B 134 4.67 -4.38 -21.80
CA VAL B 134 3.45 -3.59 -21.65
C VAL B 134 2.50 -3.73 -22.83
N TYR B 135 1.28 -4.15 -22.51
CA TYR B 135 0.30 -4.35 -23.55
C TYR B 135 -0.92 -3.45 -23.38
N PRO B 136 -1.30 -2.75 -24.47
CA PRO B 136 -2.45 -1.84 -24.48
C PRO B 136 -3.72 -2.68 -24.49
N LEU B 137 -4.71 -2.26 -23.74
CA LEU B 137 -5.98 -2.95 -23.71
C LEU B 137 -7.08 -2.01 -24.20
N ALA B 138 -7.34 -2.07 -25.50
CA ALA B 138 -8.36 -1.24 -26.12
C ALA B 138 -9.67 -2.04 -26.16
N PRO B 139 -10.83 -1.37 -26.01
CA PRO B 139 -12.15 -2.00 -26.02
C PRO B 139 -12.37 -2.83 -27.26
N GLY B 140 -12.84 -4.05 -27.03
CA GLY B 140 -13.12 -5.06 -28.06
C GLY B 140 -13.29 -4.75 -29.54
N SER B 141 -13.74 -3.54 -29.89
CA SER B 141 -13.95 -3.15 -31.29
C SER B 141 -15.11 -3.94 -31.85
N ALA B 142 -16.27 -3.69 -31.24
CA ALA B 142 -17.55 -4.32 -31.55
C ALA B 142 -18.36 -3.89 -30.34
N ALA B 143 -17.77 -4.08 -29.17
CA ALA B 143 -18.36 -3.68 -27.89
C ALA B 143 -17.63 -2.39 -27.60
N GLN B 144 -18.07 -1.32 -28.26
CA GLN B 144 -17.45 -0.01 -28.13
C GLN B 144 -18.52 1.06 -28.39
N THR B 145 -18.08 2.25 -28.78
CA THR B 145 -18.96 3.38 -29.11
C THR B 145 -19.78 3.98 -27.95
N ASN B 146 -20.78 3.22 -27.50
CA ASN B 146 -21.74 3.62 -26.46
C ASN B 146 -21.35 4.08 -25.05
N SER B 147 -21.93 5.22 -24.66
CA SER B 147 -21.81 5.85 -23.33
C SER B 147 -20.49 6.44 -22.79
N MET B 148 -19.79 5.66 -21.97
CA MET B 148 -18.51 6.02 -21.32
C MET B 148 -17.57 4.86 -21.56
N VAL B 149 -16.40 5.10 -22.13
CA VAL B 149 -15.43 4.01 -22.42
C VAL B 149 -14.39 3.65 -21.34
N THR B 150 -14.16 2.35 -21.14
CA THR B 150 -13.15 1.90 -20.19
C THR B 150 -11.97 1.34 -20.98
N LEU B 151 -10.81 1.91 -20.73
CA LEU B 151 -9.57 1.53 -21.39
C LEU B 151 -8.67 0.91 -20.34
N GLY B 152 -7.48 0.50 -20.74
CA GLY B 152 -6.57 -0.07 -19.76
C GLY B 152 -5.34 -0.68 -20.38
N CYS B 153 -4.32 -0.88 -19.57
CA CYS B 153 -3.13 -1.52 -20.08
C CYS B 153 -2.48 -2.47 -19.07
N LEU B 154 -2.12 -3.65 -19.58
CA LEU B 154 -1.49 -4.73 -18.84
C LEU B 154 0.03 -4.59 -18.80
N VAL B 155 0.55 -4.79 -17.60
CA VAL B 155 1.98 -4.72 -17.34
C VAL B 155 2.35 -6.10 -16.82
N LYS B 156 2.97 -6.92 -17.65
CA LYS B 156 3.26 -8.26 -17.19
C LYS B 156 4.68 -8.76 -17.28
N GLY B 157 4.98 -9.69 -16.36
CA GLY B 157 6.26 -10.34 -16.28
C GLY B 157 7.46 -9.51 -15.89
N TYR B 158 7.39 -8.86 -14.74
CA TYR B 158 8.54 -8.06 -14.33
C TYR B 158 8.92 -8.47 -12.92
N PHE B 159 10.08 -7.99 -12.49
CA PHE B 159 10.56 -8.26 -11.16
C PHE B 159 11.67 -7.27 -10.97
N PRO B 160 11.81 -6.65 -9.80
CA PRO B 160 10.93 -6.80 -8.62
C PRO B 160 9.95 -5.62 -8.55
N GLU B 161 9.23 -5.51 -7.44
CA GLU B 161 8.29 -4.41 -7.21
C GLU B 161 9.14 -3.23 -6.75
N PRO B 162 8.93 -1.98 -7.06
CA PRO B 162 7.77 -1.60 -7.86
C PRO B 162 7.86 -1.10 -9.28
N VAL B 163 6.70 -0.65 -9.74
CA VAL B 163 6.49 -0.11 -11.07
C VAL B 163 5.36 0.92 -10.98
N THR B 164 5.55 2.08 -11.62
CA THR B 164 4.52 3.12 -11.62
C THR B 164 3.82 3.30 -12.96
N VAL B 165 2.49 3.30 -12.92
CA VAL B 165 1.70 3.54 -14.12
C VAL B 165 0.90 4.81 -13.88
N THR B 166 0.87 5.66 -14.92
CA THR B 166 0.12 6.90 -14.94
C THR B 166 -0.43 6.98 -16.37
N TRP B 167 -1.31 7.95 -16.63
CA TRP B 167 -1.86 8.10 -17.96
C TRP B 167 -1.57 9.49 -18.49
N ASN B 168 -1.39 9.60 -19.80
CA ASN B 168 -1.07 10.86 -20.47
C ASN B 168 -0.10 11.63 -19.60
N SER B 169 1.12 11.09 -19.51
CA SER B 169 2.21 11.65 -18.70
C SER B 169 1.82 12.29 -17.36
N GLY B 170 0.74 11.79 -16.75
CA GLY B 170 0.32 12.33 -15.47
C GLY B 170 -1.01 13.07 -15.36
N SER B 171 -1.56 13.53 -16.48
CA SER B 171 -2.84 14.27 -16.49
C SER B 171 -3.96 13.46 -15.81
N LEU B 172 -4.52 12.52 -16.57
CA LEU B 172 -5.59 11.64 -16.13
C LEU B 172 -5.49 11.09 -14.73
N SER B 173 -6.17 11.74 -13.81
CA SER B 173 -6.19 11.35 -12.41
C SER B 173 -7.50 10.61 -12.12
N SER B 174 -8.61 11.22 -12.53
CA SER B 174 -9.95 10.65 -12.34
C SER B 174 -10.25 9.53 -13.31
N GLY B 175 -10.96 8.51 -12.84
CA GLY B 175 -11.33 7.36 -13.65
C GLY B 175 -10.27 6.26 -13.75
N VAL B 176 -9.15 6.48 -13.07
CA VAL B 176 -8.05 5.55 -13.07
C VAL B 176 -8.14 4.57 -11.91
N HIS B 177 -7.73 3.35 -12.19
CA HIS B 177 -7.73 2.28 -11.21
C HIS B 177 -6.46 1.47 -11.46
N THR B 178 -5.67 1.29 -10.42
CA THR B 178 -4.48 0.50 -10.60
C THR B 178 -4.49 -0.58 -9.57
N PHE B 179 -4.49 -1.82 -10.08
CA PHE B 179 -4.56 -3.01 -9.25
C PHE B 179 -3.23 -3.57 -8.85
N PRO B 180 -3.07 -3.87 -7.56
CA PRO B 180 -1.84 -4.44 -7.01
C PRO B 180 -1.36 -5.66 -7.79
N ALA B 181 -0.04 -5.75 -7.93
CA ALA B 181 0.57 -6.83 -8.69
C ALA B 181 0.30 -8.17 -8.05
N VAL B 182 0.68 -9.21 -8.79
CA VAL B 182 0.46 -10.59 -8.39
C VAL B 182 1.58 -11.44 -8.94
N LEU B 183 2.08 -12.38 -8.14
CA LEU B 183 3.16 -13.24 -8.58
C LEU B 183 2.75 -14.61 -9.06
N GLN B 184 3.24 -14.98 -10.23
CA GLN B 184 2.99 -16.29 -10.77
C GLN B 184 4.30 -16.71 -11.42
N SER B 185 5.04 -17.56 -10.70
CA SER B 185 6.31 -18.10 -11.18
C SER B 185 7.47 -17.09 -11.10
N ASP B 186 7.39 -16.24 -10.07
CA ASP B 186 8.41 -15.23 -9.79
C ASP B 186 8.60 -14.09 -10.77
N LEU B 187 7.48 -13.66 -11.33
CA LEU B 187 7.43 -12.54 -12.24
C LEU B 187 6.10 -11.90 -11.88
N TYR B 188 6.02 -10.59 -12.02
CA TYR B 188 4.82 -9.85 -11.65
C TYR B 188 3.86 -9.54 -12.78
N THR B 189 2.61 -9.41 -12.38
CA THR B 189 1.54 -9.02 -13.30
C THR B 189 0.68 -8.00 -12.59
N LEU B 190 0.41 -6.94 -13.33
CA LEU B 190 -0.37 -5.85 -12.80
C LEU B 190 -1.07 -5.21 -13.99
N SER B 191 -2.28 -4.71 -13.72
CA SER B 191 -3.07 -4.07 -14.76
C SER B 191 -3.68 -2.77 -14.25
N SER B 192 -3.67 -1.74 -15.10
CA SER B 192 -4.29 -0.48 -14.75
C SER B 192 -5.43 -0.22 -15.76
N SER B 193 -6.50 0.39 -15.26
CA SER B 193 -7.70 0.68 -16.05
C SER B 193 -8.17 2.12 -15.86
N VAL B 194 -8.52 2.79 -16.97
CA VAL B 194 -9.01 4.15 -16.93
C VAL B 194 -10.31 4.35 -17.69
N THR B 195 -11.33 4.84 -16.98
CA THR B 195 -12.64 5.09 -17.56
C THR B 195 -12.81 6.55 -17.99
N VAL B 196 -12.82 6.77 -19.30
CA VAL B 196 -12.99 8.09 -19.88
C VAL B 196 -14.33 8.19 -20.65
N PRO B 197 -14.76 9.42 -20.93
CA PRO B 197 -16.01 9.65 -21.66
C PRO B 197 -15.80 9.34 -23.16
N SER B 198 -16.85 8.86 -23.83
CA SER B 198 -16.76 8.52 -25.23
C SER B 198 -16.45 9.72 -26.11
N SER B 199 -16.20 10.88 -25.49
CA SER B 199 -15.85 12.06 -26.25
C SER B 199 -14.38 11.97 -26.62
N PRO B 200 -13.47 11.80 -25.63
CA PRO B 200 -12.06 11.72 -26.01
C PRO B 200 -11.76 10.55 -26.97
N ARG B 201 -11.21 9.47 -26.47
CA ARG B 201 -10.88 8.35 -27.35
C ARG B 201 -12.04 7.91 -28.24
N PRO B 202 -11.71 7.61 -29.52
CA PRO B 202 -10.34 7.64 -30.13
C PRO B 202 -9.60 8.93 -30.34
N SER B 203 -10.28 9.91 -30.92
CA SER B 203 -9.65 11.20 -31.19
C SER B 203 -9.31 11.78 -29.84
N GLU B 204 -8.12 12.34 -29.72
CA GLU B 204 -7.66 12.89 -28.44
C GLU B 204 -7.42 11.60 -27.63
N THR B 205 -6.34 10.91 -27.99
CA THR B 205 -5.92 9.64 -27.38
C THR B 205 -5.30 9.66 -25.99
N VAL B 206 -5.22 8.46 -25.43
CA VAL B 206 -4.65 8.24 -24.12
C VAL B 206 -3.42 7.36 -24.28
N THR B 207 -2.54 7.42 -23.28
CA THR B 207 -1.31 6.63 -23.29
C THR B 207 -0.98 6.24 -21.87
N CYS B 208 -0.60 4.99 -21.66
CA CYS B 208 -0.21 4.61 -20.31
C CYS B 208 1.28 4.68 -20.25
N ASN B 209 1.75 5.25 -19.14
CA ASN B 209 3.18 5.42 -18.88
C ASN B 209 3.53 4.49 -17.73
N VAL B 210 4.44 3.57 -18.04
CA VAL B 210 4.88 2.60 -17.07
C VAL B 210 6.37 2.82 -16.85
N ALA B 211 6.76 2.85 -15.59
CA ALA B 211 8.15 3.07 -15.22
C ALA B 211 8.59 2.03 -14.19
N HIS B 212 9.53 1.16 -14.56
CA HIS B 212 10.05 0.11 -13.69
C HIS B 212 11.51 0.43 -13.32
N PRO B 213 11.70 1.21 -12.25
CA PRO B 213 12.97 1.68 -11.69
C PRO B 213 14.08 0.66 -11.51
N ALA B 214 13.76 -0.55 -11.10
CA ALA B 214 14.82 -1.53 -10.93
C ALA B 214 15.53 -1.83 -12.24
N SER B 215 14.79 -1.78 -13.36
CA SER B 215 15.39 -2.06 -14.68
C SER B 215 15.50 -0.82 -15.55
N SER B 216 15.39 0.33 -14.91
CA SER B 216 15.49 1.60 -15.62
C SER B 216 14.65 1.62 -16.89
N THR B 217 13.44 1.05 -16.79
CA THR B 217 12.51 0.97 -17.89
C THR B 217 11.37 1.98 -17.81
N LYS B 218 11.18 2.72 -18.91
CA LYS B 218 10.09 3.71 -19.01
C LYS B 218 9.46 3.44 -20.37
N VAL B 219 8.21 3.00 -20.33
CA VAL B 219 7.47 2.65 -21.55
C VAL B 219 6.16 3.42 -21.68
N ASP B 220 5.86 3.80 -22.91
CA ASP B 220 4.64 4.54 -23.19
C ASP B 220 3.82 3.80 -24.26
N LYS B 221 2.73 3.16 -23.84
CA LYS B 221 1.87 2.44 -24.78
C LYS B 221 0.65 3.29 -25.04
N LYS B 222 0.51 3.74 -26.28
CA LYS B 222 -0.61 4.56 -26.71
C LYS B 222 -1.75 3.61 -27.04
N ILE B 223 -2.87 3.78 -26.38
CA ILE B 223 -4.01 2.89 -26.61
C ILE B 223 -4.78 3.35 -27.85
N VAL B 224 -5.00 2.41 -28.76
CA VAL B 224 -5.72 2.69 -29.98
C VAL B 224 -6.74 1.58 -30.28
N PRO B 225 -7.88 1.95 -30.90
CA PRO B 225 -8.97 1.04 -31.26
C PRO B 225 -8.49 -0.17 -32.02
N ARG B 226 -9.14 -1.30 -31.78
CA ARG B 226 -8.78 -2.54 -32.46
C ARG B 226 -9.41 -2.54 -33.86
N ASP B 227 -8.77 -3.25 -34.79
CA ASP B 227 -9.28 -3.39 -36.14
C ASP B 227 -9.99 -4.76 -36.24
N CYS B 228 -10.85 -5.04 -35.25
CA CYS B 228 -11.58 -6.30 -35.17
C CYS B 228 -13.05 -6.17 -35.62
N HIS C 1 9.78 12.67 30.65
CA HIS C 1 8.60 12.21 29.91
C HIS C 1 9.03 11.34 28.77
N ILE C 2 9.95 10.48 29.15
CA ILE C 2 10.52 9.47 28.29
C ILE C 2 10.15 8.25 29.14
N GLY C 3 9.65 7.20 28.48
CA GLY C 3 9.24 5.98 29.17
C GLY C 3 10.30 5.34 30.06
N PRO C 4 9.90 4.69 31.16
CA PRO C 4 10.89 4.05 32.04
C PRO C 4 11.72 2.93 31.40
N GLY C 5 11.24 2.36 30.31
CA GLY C 5 11.97 1.28 29.66
C GLY C 5 12.92 1.74 28.56
N ARG C 6 12.79 3.00 28.19
CA ARG C 6 13.62 3.58 27.16
C ARG C 6 15.06 3.59 27.68
N ALA C 7 16.00 3.17 26.84
CA ALA C 7 17.42 3.13 27.21
C ALA C 7 18.01 4.51 27.39
N PHE C 8 17.51 5.47 26.63
CA PHE C 8 18.03 6.81 26.71
C PHE C 8 17.02 7.84 27.09
N GLY C 9 17.50 8.86 27.83
CA GLY C 9 16.66 9.95 28.27
C GLY C 9 17.22 11.21 27.64
N GLY C 10 16.93 12.40 28.20
CA GLY C 10 17.63 13.33 27.70
C GLY C 10 17.88 14.66 28.38
N GLY C 11 18.57 14.65 29.51
CA GLY C 11 18.81 15.91 30.20
C GLY C 11 20.00 15.95 31.14
#